data_4EQQ
#
_entry.id   4EQQ
#
_cell.length_a   82.770
_cell.length_b   82.770
_cell.length_c   100.190
_cell.angle_alpha   90.00
_cell.angle_beta   90.00
_cell.angle_gamma   90.00
#
_symmetry.space_group_name_H-M   'P 41 21 2'
#
loop_
_entity.id
_entity.type
_entity.pdbx_description
1 polymer 'Putative host cell surface-exposed lipoprotein'
2 non-polymer 'SULFATE ION'
3 non-polymer 'PHOSPHATE ION'
4 water water
#
_entity_poly.entity_id   1
_entity_poly.type   'polypeptide(L)'
_entity_poly.pdbx_seq_one_letter_code
;GPLGSPEFSKVPKEYRTAVSKAKQYASTVHMSKEELRSQLVSFDKYSQDASDYAVENSGIDYNKQALEKAKQYQDTLSMS
PDAIRDQLVSFDKFTQEEADYAVANLK
;
_entity_poly.pdbx_strand_id   A,B
#
loop_
_chem_comp.id
_chem_comp.type
_chem_comp.name
_chem_comp.formula
PO4 non-polymer 'PHOSPHATE ION' 'O4 P -3'
SO4 non-polymer 'SULFATE ION' 'O4 S -2'
#
# COMPACT_ATOMS: atom_id res chain seq x y z
N PRO A 6 8.68 -3.86 -27.57
CA PRO A 6 9.90 -4.62 -27.90
C PRO A 6 9.82 -6.04 -27.34
N GLU A 7 10.14 -7.06 -28.18
CA GLU A 7 10.06 -8.45 -27.71
C GLU A 7 10.95 -8.78 -26.52
N PHE A 8 10.41 -9.63 -25.64
CA PHE A 8 11.01 -10.09 -24.39
C PHE A 8 12.43 -10.66 -24.50
N SER A 9 12.70 -11.49 -25.51
CA SER A 9 14.00 -12.15 -25.69
C SER A 9 15.16 -11.22 -26.13
N LYS A 10 14.82 -10.08 -26.73
CA LYS A 10 15.78 -9.09 -27.24
C LYS A 10 16.02 -7.95 -26.24
N VAL A 11 15.40 -8.07 -25.10
CA VAL A 11 15.45 -7.03 -24.08
C VAL A 11 16.58 -7.31 -23.09
N PRO A 12 17.25 -6.29 -22.50
CA PRO A 12 18.33 -6.57 -21.55
C PRO A 12 17.80 -7.37 -20.36
N LYS A 13 18.70 -8.13 -19.71
CA LYS A 13 18.38 -8.92 -18.53
C LYS A 13 17.70 -8.05 -17.44
N GLU A 14 18.23 -6.83 -17.24
CA GLU A 14 17.73 -5.83 -16.32
C GLU A 14 16.23 -5.56 -16.51
N TYR A 15 15.75 -5.49 -17.77
CA TYR A 15 14.34 -5.24 -18.06
C TYR A 15 13.49 -6.44 -17.59
N ARG A 16 14.01 -7.67 -17.77
CA ARG A 16 13.30 -8.90 -17.37
C ARG A 16 13.26 -9.00 -15.85
N THR A 17 14.34 -8.59 -15.18
CA THR A 17 14.39 -8.56 -13.71
C THR A 17 13.41 -7.47 -13.20
N ALA A 18 13.35 -6.30 -13.90
CA ALA A 18 12.43 -5.24 -13.53
C ALA A 18 10.97 -5.70 -13.66
N VAL A 19 10.64 -6.49 -14.72
CA VAL A 19 9.31 -7.06 -14.93
C VAL A 19 8.92 -7.98 -13.74
N SER A 20 9.86 -8.82 -13.33
CA SER A 20 9.67 -9.75 -12.19
C SER A 20 9.38 -8.94 -10.91
N LYS A 21 10.16 -7.87 -10.69
CA LYS A 21 9.99 -6.99 -9.53
C LYS A 21 8.65 -6.23 -9.61
N ALA A 22 8.26 -5.73 -10.80
CA ALA A 22 7.00 -5.02 -11.01
C ALA A 22 5.80 -5.92 -10.64
N LYS A 23 5.84 -7.20 -11.06
CA LYS A 23 4.81 -8.21 -10.75
C LYS A 23 4.68 -8.43 -9.25
N GLN A 24 5.82 -8.45 -8.54
CA GLN A 24 5.87 -8.60 -7.08
C GLN A 24 5.17 -7.41 -6.40
N TYR A 25 5.52 -6.19 -6.81
CA TYR A 25 4.90 -4.98 -6.27
C TYR A 25 3.40 -4.94 -6.52
N ALA A 26 2.95 -5.25 -7.75
CA ALA A 26 1.54 -5.25 -8.15
C ALA A 26 0.71 -6.33 -7.43
N SER A 27 1.34 -7.42 -7.01
CA SER A 27 0.65 -8.50 -6.31
C SER A 27 0.55 -8.26 -4.78
N THR A 28 1.32 -7.27 -4.23
CA THR A 28 1.38 -7.03 -2.78
C THR A 28 0.89 -5.64 -2.37
N VAL A 29 1.41 -4.59 -3.03
CA VAL A 29 1.08 -3.18 -2.79
C VAL A 29 0.28 -2.76 -4.02
N HIS A 30 -0.83 -2.12 -3.86
CA HIS A 30 -1.63 -1.85 -5.07
C HIS A 30 -1.37 -0.48 -5.77
N MET A 31 -0.28 -0.42 -6.53
CA MET A 31 0.23 0.78 -7.18
C MET A 31 -0.37 1.11 -8.51
N SER A 32 -0.42 2.42 -8.79
CA SER A 32 -0.81 2.92 -10.09
C SER A 32 0.43 2.74 -10.95
N LYS A 33 0.29 2.87 -12.27
CA LYS A 33 1.42 2.79 -13.18
C LYS A 33 2.50 3.79 -12.79
N GLU A 34 2.11 5.04 -12.46
CA GLU A 34 3.07 6.09 -12.10
C GLU A 34 3.79 5.82 -10.77
N GLU A 35 3.07 5.27 -9.79
CA GLU A 35 3.66 4.90 -8.50
C GLU A 35 4.72 3.81 -8.68
N LEU A 36 4.39 2.81 -9.49
CA LEU A 36 5.27 1.68 -9.80
C LEU A 36 6.49 2.12 -10.59
N ARG A 37 6.30 3.04 -11.54
CA ARG A 37 7.38 3.59 -12.37
C ARG A 37 8.43 4.27 -11.49
N SER A 38 7.95 5.09 -10.54
CA SER A 38 8.76 5.83 -9.58
C SER A 38 9.44 4.84 -8.59
N GLN A 39 8.70 3.84 -8.08
CA GLN A 39 9.23 2.83 -7.16
C GLN A 39 10.45 2.09 -7.76
N LEU A 40 10.33 1.59 -9.01
CA LEU A 40 11.41 0.84 -9.67
C LEU A 40 12.69 1.65 -9.81
N VAL A 41 12.57 2.95 -10.06
CA VAL A 41 13.72 3.85 -10.19
C VAL A 41 14.25 4.25 -8.79
N SER A 42 13.37 4.78 -7.94
CA SER A 42 13.73 5.34 -6.63
C SER A 42 14.21 4.29 -5.61
N PHE A 43 13.54 3.14 -5.53
CA PHE A 43 13.95 2.12 -4.57
C PHE A 43 14.90 1.08 -5.15
N ASP A 44 14.48 0.41 -6.23
CA ASP A 44 15.24 -0.69 -6.84
C ASP A 44 16.41 -0.22 -7.69
N LYS A 45 16.45 1.07 -8.03
CA LYS A 45 17.53 1.68 -8.80
C LYS A 45 17.64 1.19 -10.24
N TYR A 46 16.50 0.83 -10.85
CA TYR A 46 16.47 0.49 -12.27
C TYR A 46 16.61 1.80 -13.04
N SER A 47 17.10 1.74 -14.29
CA SER A 47 17.16 2.95 -15.10
C SER A 47 15.72 3.38 -15.43
N GLN A 48 15.53 4.61 -15.90
CA GLN A 48 14.21 5.07 -16.31
C GLN A 48 13.67 4.18 -17.46
N ASP A 49 14.51 3.79 -18.42
CA ASP A 49 14.09 2.94 -19.54
C ASP A 49 13.60 1.55 -19.08
N ALA A 50 14.32 0.90 -18.16
CA ALA A 50 13.93 -0.43 -17.65
C ALA A 50 12.60 -0.32 -16.87
N SER A 51 12.42 0.75 -16.11
CA SER A 51 11.20 0.99 -15.34
C SER A 51 10.03 1.25 -16.28
N ASP A 52 10.23 2.13 -17.29
CA ASP A 52 9.23 2.44 -18.31
C ASP A 52 8.82 1.17 -19.07
N TYR A 53 9.78 0.29 -19.38
CA TYR A 53 9.48 -0.98 -20.04
C TYR A 53 8.65 -1.88 -19.10
N ALA A 54 9.12 -2.07 -17.84
CA ALA A 54 8.42 -2.91 -16.87
C ALA A 54 6.95 -2.51 -16.58
N VAL A 55 6.67 -1.21 -16.42
CA VAL A 55 5.28 -0.80 -16.10
C VAL A 55 4.25 -1.13 -17.20
N GLU A 56 4.71 -1.25 -18.45
CA GLU A 56 3.88 -1.55 -19.63
C GLU A 56 3.88 -3.02 -20.05
N ASN A 57 4.91 -3.79 -19.63
CA ASN A 57 5.14 -5.15 -20.10
C ASN A 57 5.13 -6.24 -19.03
N SER A 58 4.43 -6.01 -17.91
CA SER A 58 4.36 -6.98 -16.83
C SER A 58 2.97 -7.62 -16.68
N GLY A 59 2.08 -7.36 -17.63
CA GLY A 59 0.72 -7.88 -17.65
C GLY A 59 -0.17 -7.32 -16.57
N ILE A 60 0.22 -6.16 -16.00
CA ILE A 60 -0.54 -5.56 -14.89
C ILE A 60 -1.83 -4.93 -15.38
N ASP A 61 -2.93 -5.25 -14.68
CA ASP A 61 -4.21 -4.65 -14.93
C ASP A 61 -4.36 -3.52 -13.88
N TYR A 62 -4.14 -2.27 -14.31
CA TYR A 62 -4.22 -1.09 -13.45
C TYR A 62 -5.63 -0.76 -12.97
N ASN A 63 -6.67 -1.27 -13.67
CA ASN A 63 -8.06 -1.10 -13.23
C ASN A 63 -8.24 -1.92 -11.95
N LYS A 64 -7.70 -3.15 -11.96
CA LYS A 64 -7.74 -4.08 -10.81
C LYS A 64 -6.88 -3.53 -9.66
N GLN A 65 -5.72 -2.91 -9.98
CA GLN A 65 -4.85 -2.29 -8.97
C GLN A 65 -5.63 -1.16 -8.26
N ALA A 66 -6.35 -0.32 -9.05
CA ALA A 66 -7.15 0.79 -8.51
C ALA A 66 -8.25 0.26 -7.61
N LEU A 67 -8.95 -0.81 -8.05
CA LEU A 67 -10.02 -1.43 -7.25
C LEU A 67 -9.48 -1.93 -5.89
N GLU A 68 -8.35 -2.65 -5.90
CA GLU A 68 -7.74 -3.16 -4.68
C GLU A 68 -7.32 -2.01 -3.75
N LYS A 69 -6.77 -0.93 -4.30
CA LYS A 69 -6.39 0.22 -3.49
C LYS A 69 -7.66 0.91 -2.91
N ALA A 70 -8.71 1.02 -3.74
CA ALA A 70 -9.99 1.62 -3.36
C ALA A 70 -10.62 0.83 -2.19
N LYS A 71 -10.59 -0.53 -2.25
CA LYS A 71 -11.09 -1.39 -1.16
C LYS A 71 -10.31 -1.11 0.10
N GLN A 72 -8.96 -1.00 -0.02
CA GLN A 72 -8.09 -0.70 1.13
C GLN A 72 -8.50 0.63 1.79
N TYR A 73 -8.70 1.70 0.99
CA TYR A 73 -9.13 3.01 1.53
C TYR A 73 -10.50 2.92 2.21
N GLN A 74 -11.43 2.17 1.61
CA GLN A 74 -12.78 1.99 2.16
C GLN A 74 -12.74 1.21 3.46
N ASP A 75 -12.05 0.05 3.47
CA ASP A 75 -11.98 -0.80 4.65
C ASP A 75 -11.13 -0.29 5.79
N THR A 76 -9.98 0.38 5.50
CA THR A 76 -9.09 0.87 6.55
C THR A 76 -9.52 2.22 7.12
N LEU A 77 -10.15 3.07 6.29
CA LEU A 77 -10.44 4.44 6.72
C LEU A 77 -11.88 4.90 6.58
N SER A 78 -12.77 4.04 6.05
CA SER A 78 -14.18 4.38 5.86
C SER A 78 -14.37 5.67 5.06
N MET A 79 -13.48 5.89 4.08
CA MET A 79 -13.59 7.04 3.19
C MET A 79 -14.78 6.82 2.25
N SER A 80 -15.42 7.92 1.83
CA SER A 80 -16.56 7.82 0.92
C SER A 80 -16.09 7.43 -0.49
N PRO A 81 -16.95 6.83 -1.34
CA PRO A 81 -16.53 6.51 -2.71
C PRO A 81 -16.00 7.74 -3.47
N ASP A 82 -16.63 8.93 -3.30
CA ASP A 82 -16.17 10.16 -3.95
C ASP A 82 -14.82 10.61 -3.44
N ALA A 83 -14.58 10.53 -2.12
CA ALA A 83 -13.28 10.88 -1.55
C ALA A 83 -12.20 9.91 -2.06
N ILE A 84 -12.55 8.61 -2.20
CA ILE A 84 -11.64 7.58 -2.71
C ILE A 84 -11.28 7.86 -4.17
N ARG A 85 -12.29 8.20 -5.01
CA ARG A 85 -12.07 8.52 -6.42
C ARG A 85 -11.03 9.62 -6.56
N ASP A 86 -11.17 10.72 -5.77
CA ASP A 86 -10.22 11.85 -5.82
C ASP A 86 -8.84 11.47 -5.34
N GLN A 87 -8.76 10.68 -4.26
CA GLN A 87 -7.48 10.22 -3.72
C GLN A 87 -6.74 9.38 -4.76
N LEU A 88 -7.45 8.43 -5.40
CA LEU A 88 -6.82 7.57 -6.43
C LEU A 88 -6.22 8.38 -7.58
N VAL A 89 -6.93 9.42 -8.02
CA VAL A 89 -6.48 10.27 -9.13
C VAL A 89 -5.46 11.30 -8.69
N SER A 90 -5.84 12.22 -7.77
CA SER A 90 -4.98 13.32 -7.36
C SER A 90 -3.74 12.92 -6.63
N PHE A 91 -3.85 11.92 -5.76
CA PHE A 91 -2.73 11.49 -4.94
C PHE A 91 -1.99 10.26 -5.52
N ASP A 92 -2.69 9.12 -5.74
CA ASP A 92 -2.06 7.90 -6.28
C ASP A 92 -1.70 7.96 -7.76
N LYS A 93 -2.30 8.89 -8.49
CA LYS A 93 -2.05 9.07 -9.92
C LYS A 93 -2.53 7.93 -10.83
N PHE A 94 -3.62 7.24 -10.41
CA PHE A 94 -4.35 6.34 -11.28
C PHE A 94 -5.02 7.24 -12.29
N THR A 95 -5.36 6.73 -13.47
CA THR A 95 -6.09 7.53 -14.47
C THR A 95 -7.53 7.68 -13.94
N GLN A 96 -8.29 8.65 -14.46
CA GLN A 96 -9.69 8.86 -14.05
C GLN A 96 -10.57 7.62 -14.28
N GLU A 97 -10.36 6.93 -15.42
CA GLU A 97 -11.11 5.71 -15.77
C GLU A 97 -10.81 4.56 -14.82
N GLU A 98 -9.55 4.40 -14.40
CA GLU A 98 -9.18 3.37 -13.40
C GLU A 98 -9.88 3.66 -12.07
N ALA A 99 -9.88 4.94 -11.63
CA ALA A 99 -10.51 5.36 -10.37
C ALA A 99 -12.03 5.23 -10.46
N ASP A 100 -12.63 5.57 -11.63
CA ASP A 100 -14.08 5.44 -11.82
C ASP A 100 -14.49 3.99 -11.73
N TYR A 101 -13.73 3.09 -12.39
CA TYR A 101 -13.98 1.64 -12.34
C TYR A 101 -13.85 1.14 -10.88
N ALA A 102 -12.81 1.59 -10.17
CA ALA A 102 -12.59 1.15 -8.79
C ALA A 102 -13.80 1.49 -7.91
N VAL A 103 -14.24 2.76 -7.91
CA VAL A 103 -15.32 3.22 -7.05
C VAL A 103 -16.70 2.64 -7.40
N ALA A 104 -16.92 2.33 -8.69
CA ALA A 104 -18.16 1.70 -9.16
C ALA A 104 -18.28 0.26 -8.62
N ASN A 105 -17.14 -0.33 -8.18
CA ASN A 105 -17.07 -1.68 -7.65
C ASN A 105 -16.83 -1.76 -6.14
N LEU A 106 -17.05 -0.65 -5.44
CA LEU A 106 -16.95 -0.57 -3.97
C LEU A 106 -18.29 -0.88 -3.29
N LYS A 107 -18.29 -1.00 -1.96
CA LYS A 107 -19.49 -1.29 -1.16
C LYS A 107 -20.34 -0.03 -1.03
N LYS B 10 -6.00 -20.09 26.11
CA LYS B 10 -6.86 -19.21 26.91
C LYS B 10 -7.75 -18.32 26.04
N VAL B 11 -7.25 -17.87 24.87
CA VAL B 11 -8.02 -17.01 23.97
C VAL B 11 -8.72 -17.82 22.88
N PRO B 12 -9.90 -17.38 22.39
CA PRO B 12 -10.58 -18.14 21.32
C PRO B 12 -9.71 -18.29 20.06
N LYS B 13 -9.91 -19.40 19.33
CA LYS B 13 -9.23 -19.69 18.08
C LYS B 13 -9.30 -18.48 17.11
N GLU B 14 -10.48 -17.86 17.02
CA GLU B 14 -10.72 -16.70 16.17
C GLU B 14 -9.85 -15.47 16.54
N TYR B 15 -9.48 -15.32 17.83
CA TYR B 15 -8.60 -14.24 18.30
C TYR B 15 -7.17 -14.54 17.83
N ARG B 16 -6.80 -15.82 17.83
CA ARG B 16 -5.48 -16.29 17.39
C ARG B 16 -5.33 -16.25 15.88
N THR B 17 -6.42 -16.56 15.13
CA THR B 17 -6.33 -16.44 13.67
C THR B 17 -6.31 -14.95 13.28
N ALA B 18 -7.01 -14.09 14.06
CA ALA B 18 -7.01 -12.63 13.85
C ALA B 18 -5.59 -12.09 14.02
N VAL B 19 -4.84 -12.63 15.03
CA VAL B 19 -3.43 -12.28 15.28
C VAL B 19 -2.58 -12.68 14.05
N SER B 20 -2.79 -13.90 13.55
CA SER B 20 -2.06 -14.41 12.39
C SER B 20 -2.39 -13.56 11.16
N LYS B 21 -3.66 -13.14 11.00
CA LYS B 21 -4.06 -12.28 9.89
C LYS B 21 -3.40 -10.89 10.03
N ALA B 22 -3.42 -10.32 11.27
CA ALA B 22 -2.82 -9.03 11.57
C ALA B 22 -1.32 -9.02 11.19
N LYS B 23 -0.61 -10.12 11.48
CA LYS B 23 0.82 -10.27 11.17
C LYS B 23 1.06 -10.28 9.66
N GLN B 24 0.12 -10.84 8.87
CA GLN B 24 0.21 -10.88 7.40
C GLN B 24 0.21 -9.43 6.85
N TYR B 25 -0.70 -8.57 7.36
CA TYR B 25 -0.78 -7.16 6.93
C TYR B 25 0.49 -6.40 7.31
N ALA B 26 1.02 -6.67 8.52
CA ALA B 26 2.22 -6.01 9.02
C ALA B 26 3.46 -6.40 8.19
N SER B 27 3.46 -7.59 7.55
CA SER B 27 4.62 -7.97 6.74
C SER B 27 4.56 -7.42 5.31
N THR B 28 3.36 -7.16 4.76
CA THR B 28 3.23 -6.74 3.37
C THR B 28 2.57 -5.39 3.09
N VAL B 29 1.60 -4.96 3.90
CA VAL B 29 0.80 -3.75 3.67
C VAL B 29 1.25 -2.56 4.51
N HIS B 30 1.58 -2.79 5.79
CA HIS B 30 2.09 -1.73 6.68
C HIS B 30 1.05 -0.70 7.12
N MET B 31 -0.01 -1.20 7.71
CA MET B 31 -1.08 -0.36 8.21
C MET B 31 -0.74 0.14 9.62
N SER B 32 -1.29 1.30 9.98
CA SER B 32 -1.23 1.84 11.32
C SER B 32 -2.17 0.95 12.15
N LYS B 33 -2.11 1.07 13.48
CA LYS B 33 -2.99 0.28 14.35
C LYS B 33 -4.47 0.53 14.02
N GLU B 34 -4.87 1.80 13.84
CA GLU B 34 -6.26 2.16 13.52
C GLU B 34 -6.71 1.68 12.15
N GLU B 35 -5.82 1.73 11.14
CA GLU B 35 -6.15 1.21 9.79
C GLU B 35 -6.36 -0.31 9.87
N LEU B 36 -5.45 -1.01 10.59
CA LEU B 36 -5.52 -2.46 10.76
C LEU B 36 -6.77 -2.87 11.55
N ARG B 37 -7.10 -2.12 12.62
CA ARG B 37 -8.31 -2.40 13.43
C ARG B 37 -9.58 -2.42 12.54
N SER B 38 -9.69 -1.42 11.67
CA SER B 38 -10.79 -1.24 10.74
C SER B 38 -10.75 -2.33 9.65
N GLN B 39 -9.55 -2.60 9.09
CA GLN B 39 -9.35 -3.62 8.05
C GLN B 39 -9.84 -5.01 8.48
N LEU B 40 -9.43 -5.45 9.70
CA LEU B 40 -9.81 -6.78 10.20
C LEU B 40 -11.33 -6.98 10.30
N VAL B 41 -12.06 -5.91 10.61
CA VAL B 41 -13.53 -5.91 10.72
C VAL B 41 -14.19 -5.80 9.35
N SER B 42 -13.96 -4.68 8.62
CA SER B 42 -14.62 -4.38 7.35
C SER B 42 -14.25 -5.33 6.24
N PHE B 43 -12.97 -5.71 6.13
CA PHE B 43 -12.54 -6.61 5.07
C PHE B 43 -12.56 -8.06 5.51
N ASP B 44 -11.84 -8.39 6.59
CA ASP B 44 -11.71 -9.79 7.05
C ASP B 44 -12.88 -10.36 7.81
N LYS B 45 -13.88 -9.51 8.15
CA LYS B 45 -15.12 -9.91 8.84
C LYS B 45 -14.93 -10.44 10.25
N TYR B 46 -13.81 -10.09 10.88
CA TYR B 46 -13.61 -10.43 12.29
C TYR B 46 -14.53 -9.55 13.13
N SER B 47 -14.91 -10.02 14.34
CA SER B 47 -15.71 -9.21 15.26
C SER B 47 -14.81 -8.06 15.75
N GLN B 48 -15.40 -6.96 16.22
CA GLN B 48 -14.66 -5.83 16.74
C GLN B 48 -13.74 -6.27 17.89
N ASP B 49 -14.22 -7.20 18.75
CA ASP B 49 -13.42 -7.73 19.87
C ASP B 49 -12.20 -8.51 19.40
N ALA B 50 -12.35 -9.36 18.35
CA ALA B 50 -11.22 -10.12 17.83
C ALA B 50 -10.18 -9.15 17.21
N SER B 51 -10.66 -8.10 16.50
CA SER B 51 -9.80 -7.11 15.88
C SER B 51 -9.05 -6.28 16.93
N ASP B 52 -9.76 -5.77 17.95
CA ASP B 52 -9.19 -4.98 19.07
C ASP B 52 -8.11 -5.78 19.79
N TYR B 53 -8.33 -7.09 19.97
CA TYR B 53 -7.34 -7.98 20.57
C TYR B 53 -6.13 -8.12 19.64
N ALA B 54 -6.37 -8.44 18.36
CA ALA B 54 -5.29 -8.66 17.39
C ALA B 54 -4.35 -7.46 17.21
N VAL B 55 -4.88 -6.23 17.12
CA VAL B 55 -4.03 -5.04 16.88
C VAL B 55 -3.04 -4.75 18.04
N GLU B 56 -3.40 -5.20 19.26
CA GLU B 56 -2.60 -5.03 20.47
C GLU B 56 -1.74 -6.23 20.83
N ASN B 57 -2.13 -7.45 20.39
CA ASN B 57 -1.47 -8.70 20.81
C ASN B 57 -0.78 -9.51 19.74
N SER B 58 -0.40 -8.88 18.62
CA SER B 58 0.29 -9.58 17.53
C SER B 58 1.78 -9.29 17.49
N GLY B 59 2.28 -8.53 18.47
CA GLY B 59 3.69 -8.14 18.54
C GLY B 59 4.11 -7.18 17.44
N ILE B 60 3.14 -6.54 16.78
CA ILE B 60 3.44 -5.62 15.68
C ILE B 60 4.13 -4.37 16.22
N ASP B 61 5.25 -3.99 15.56
CA ASP B 61 5.96 -2.77 15.89
C ASP B 61 5.40 -1.68 14.95
N TYR B 62 4.52 -0.83 15.48
CA TYR B 62 3.92 0.24 14.68
C TYR B 62 4.88 1.36 14.28
N ASN B 63 6.04 1.46 14.96
CA ASN B 63 7.11 2.40 14.60
C ASN B 63 7.70 1.90 13.28
N LYS B 64 7.96 0.59 13.19
CA LYS B 64 8.48 -0.06 11.98
C LYS B 64 7.44 0.03 10.85
N GLN B 65 6.13 -0.15 11.17
CA GLN B 65 5.06 -0.04 10.16
C GLN B 65 5.04 1.36 9.54
N ALA B 66 5.20 2.41 10.39
CA ALA B 66 5.24 3.82 9.96
C ALA B 66 6.46 4.04 9.07
N LEU B 67 7.61 3.46 9.43
CA LEU B 67 8.82 3.59 8.62
C LEU B 67 8.65 2.92 7.26
N GLU B 68 8.10 1.70 7.24
CA GLU B 68 7.86 0.99 6.00
C GLU B 68 6.88 1.76 5.11
N LYS B 69 5.82 2.34 5.71
CA LYS B 69 4.85 3.15 4.96
C LYS B 69 5.50 4.46 4.48
N ALA B 70 6.40 5.07 5.31
CA ALA B 70 7.13 6.30 4.93
C ALA B 70 7.99 6.03 3.67
N LYS B 71 8.68 4.87 3.62
CA LYS B 71 9.53 4.49 2.46
C LYS B 71 8.65 4.33 1.20
N GLN B 72 7.44 3.74 1.36
CA GLN B 72 6.51 3.58 0.24
C GLN B 72 6.13 4.94 -0.33
N TYR B 73 5.78 5.92 0.53
CA TYR B 73 5.44 7.28 0.06
C TYR B 73 6.63 7.95 -0.64
N GLN B 74 7.82 7.83 -0.05
CA GLN B 74 9.02 8.42 -0.59
C GLN B 74 9.35 7.88 -1.98
N ASP B 75 9.32 6.56 -2.14
CA ASP B 75 9.71 5.97 -3.41
C ASP B 75 8.61 5.90 -4.45
N THR B 76 7.33 5.74 -4.06
CA THR B 76 6.27 5.65 -5.07
C THR B 76 5.84 7.04 -5.54
N LEU B 77 5.91 8.02 -4.63
CA LEU B 77 5.41 9.36 -4.94
C LEU B 77 6.40 10.48 -4.84
N SER B 78 7.68 10.18 -4.56
CA SER B 78 8.76 11.19 -4.47
C SER B 78 8.42 12.30 -3.48
N MET B 79 7.82 11.90 -2.36
CA MET B 79 7.39 12.82 -1.33
C MET B 79 8.51 13.25 -0.40
N SER B 80 8.44 14.49 0.05
CA SER B 80 9.43 15.05 0.97
C SER B 80 9.24 14.47 2.37
N PRO B 81 10.31 14.47 3.21
CA PRO B 81 10.15 14.02 4.61
C PRO B 81 8.99 14.69 5.36
N ASP B 82 8.85 16.04 5.27
CA ASP B 82 7.78 16.76 5.94
C ASP B 82 6.39 16.41 5.42
N ALA B 83 6.23 16.25 4.08
CA ALA B 83 4.93 15.86 3.52
C ALA B 83 4.57 14.45 3.98
N ILE B 84 5.58 13.54 4.07
CA ILE B 84 5.36 12.17 4.54
C ILE B 84 4.89 12.17 6.01
N ARG B 85 5.56 12.97 6.88
CA ARG B 85 5.21 13.05 8.31
C ARG B 85 3.74 13.39 8.48
N ASP B 86 3.25 14.45 7.81
CA ASP B 86 1.84 14.90 7.86
C ASP B 86 0.90 13.83 7.28
N GLN B 87 1.30 13.18 6.18
CA GLN B 87 0.50 12.13 5.54
C GLN B 87 0.28 10.92 6.48
N LEU B 88 1.35 10.45 7.12
CA LEU B 88 1.27 9.31 8.05
C LEU B 88 0.28 9.57 9.21
N VAL B 89 0.23 10.80 9.75
CA VAL B 89 -0.66 11.17 10.86
C VAL B 89 -2.09 11.45 10.35
N SER B 90 -2.24 12.47 9.47
CA SER B 90 -3.53 12.93 8.96
C SER B 90 -4.28 11.89 8.14
N PHE B 91 -3.57 11.19 7.27
CA PHE B 91 -4.23 10.19 6.43
C PHE B 91 -4.21 8.79 7.05
N ASP B 92 -3.01 8.26 7.37
CA ASP B 92 -2.87 6.89 7.87
C ASP B 92 -3.22 6.64 9.31
N LYS B 93 -3.35 7.71 10.12
CA LYS B 93 -3.70 7.59 11.56
C LYS B 93 -2.63 6.94 12.42
N PHE B 94 -1.36 7.03 11.99
CA PHE B 94 -0.23 6.63 12.82
C PHE B 94 -0.14 7.72 13.91
N THR B 95 0.46 7.42 15.07
CA THR B 95 0.61 8.45 16.10
C THR B 95 1.71 9.41 15.63
N GLN B 96 1.77 10.61 16.20
CA GLN B 96 2.80 11.59 15.87
C GLN B 96 4.20 11.02 16.10
N GLU B 97 4.39 10.28 17.20
CA GLU B 97 5.65 9.65 17.61
C GLU B 97 6.07 8.59 16.59
N GLU B 98 5.09 7.84 16.03
CA GLU B 98 5.38 6.85 15.00
C GLU B 98 5.85 7.55 13.70
N ALA B 99 5.12 8.60 13.27
CA ALA B 99 5.47 9.39 12.08
C ALA B 99 6.82 10.10 12.22
N ASP B 100 7.14 10.65 13.43
CA ASP B 100 8.42 11.33 13.68
C ASP B 100 9.56 10.34 13.57
N TYR B 101 9.41 9.14 14.19
CA TYR B 101 10.38 8.05 14.10
C TYR B 101 10.61 7.65 12.63
N ALA B 102 9.51 7.46 11.87
CA ALA B 102 9.55 7.05 10.46
C ALA B 102 10.40 7.99 9.61
N VAL B 103 10.10 9.28 9.69
CA VAL B 103 10.75 10.34 8.93
C VAL B 103 12.22 10.54 9.33
N ALA B 104 12.52 10.40 10.65
CA ALA B 104 13.90 10.52 11.15
C ALA B 104 14.75 9.37 10.61
N ASN B 105 14.13 8.24 10.29
CA ASN B 105 14.82 7.05 9.79
C ASN B 105 14.84 6.91 8.26
N LEU B 106 14.39 7.94 7.54
CA LEU B 106 14.49 7.96 6.08
C LEU B 106 15.93 8.40 5.73
N LYS B 107 16.51 7.81 4.67
CA LYS B 107 17.90 8.04 4.24
C LYS B 107 18.07 9.35 3.49
S SO4 C . 19.99 -3.18 -11.07
O1 SO4 C . 21.30 -3.02 -10.42
O2 SO4 C . 19.95 -4.45 -11.79
O3 SO4 C . 18.94 -3.16 -10.05
O4 SO4 C . 19.78 -2.07 -12.01
S SO4 D . 1.09 4.01 -1.20
O1 SO4 D . 1.55 2.88 -2.00
O2 SO4 D . -0.24 3.76 -0.67
O3 SO4 D . 2.00 4.22 -0.06
O4 SO4 D . 1.08 5.23 -2.03
S SO4 E . -7.22 15.60 -2.46
O1 SO4 E . -6.38 16.69 -1.96
O2 SO4 E . -6.53 14.32 -2.30
O3 SO4 E . -8.49 15.57 -1.73
O4 SO4 E . -7.47 15.81 -3.89
S SO4 F . 18.18 -1.93 -3.20
O1 SO4 F . 19.16 -2.98 -2.92
O2 SO4 F . 16.83 -2.45 -2.96
O3 SO4 F . 18.42 -0.77 -2.34
O4 SO4 F . 18.30 -1.53 -4.62
P PO4 G . 8.62 11.28 -15.39
O1 PO4 G . 10.03 11.64 -15.95
O2 PO4 G . 8.57 9.77 -15.04
O3 PO4 G . 8.33 12.12 -14.12
O4 PO4 G . 7.54 11.59 -16.47
P PO4 H . 2.29 15.75 -9.97
O1 PO4 H . 3.67 16.08 -9.30
O2 PO4 H . 2.50 14.84 -11.22
O3 PO4 H . 1.38 15.02 -8.93
O4 PO4 H . 1.57 17.06 -10.46
P PO4 I . -20.61 0.59 3.70
O1 PO4 I . -19.12 1.04 3.67
O2 PO4 I . -20.69 -0.87 4.24
O3 PO4 I . -21.42 1.54 4.63
O4 PO4 I . -21.20 0.65 2.26
P PO4 J . -14.10 9.50 7.70
O1 PO4 J . -12.70 9.17 7.08
O2 PO4 J . -14.78 8.18 8.20
O3 PO4 J . -13.91 10.48 8.91
O4 PO4 J . -15.00 10.17 6.61
S SO4 K . -7.00 -25.05 18.71
O1 SO4 K . -6.01 -25.76 19.52
O2 SO4 K . -7.96 -25.99 18.14
O3 SO4 K . -7.72 -24.10 19.57
O4 SO4 K . -6.31 -24.35 17.62
S SO4 L . -8.94 10.95 5.92
O1 SO4 L . -8.25 9.68 6.16
O2 SO4 L . -10.29 10.70 5.46
O3 SO4 L . -8.99 11.71 7.18
O4 SO4 L . -8.20 11.73 4.93
P PO4 M . 6.67 -2.04 20.44
O1 PO4 M . 7.49 -1.59 19.20
O2 PO4 M . 7.61 -2.70 21.50
O3 PO4 M . 5.97 -0.78 21.07
O4 PO4 M . 5.58 -3.11 20.02
P PO4 N . 8.33 -4.78 2.45
O1 PO4 N . 9.13 -5.08 1.16
O2 PO4 N . 8.23 -6.07 3.33
O3 PO4 N . 9.06 -3.67 3.26
O4 PO4 N . 6.90 -4.30 2.08
#